data_1Z37
#
_entry.id   1Z37
#
_cell.length_a   136.800
_cell.length_b   136.800
_cell.length_c   136.800
_cell.angle_alpha   90.00
_cell.angle_beta   90.00
_cell.angle_gamma   90.00
#
_symmetry.space_group_name_H-M   'P 41 3 2'
#
loop_
_entity.id
_entity.type
_entity.pdbx_description
1 polymer 'purine nucleoside phosphorylase'
2 non-polymer ADENOSINE
3 water water
#
_entity_poly.entity_id   1
_entity_poly.type   'polypeptide(L)'
_entity_poly.pdbx_seq_one_letter_code
;ATPHNSAQVGDFAETVLMCGDPLRAKLIAETYLENPKLVNNVRGIQGYTGTYKGKPISVMGHGMGLPSICIYAEELYSTY
KVKTIIRVGTCGAIDMDIHTRDIVIFTSAGTNSKINRIRFMDHDYPATASFDVVCALVDAAKELNIPAKVGKGFSTDLFY
NPQTELAQLMNKFHFLAVEMESAGLFPIADLYGARAGCICTVSDHILHHEETTAEERQNSFQNMMKIALEAAIKL
;
_entity_poly.pdbx_strand_id   A
#
loop_
_chem_comp.id
_chem_comp.type
_chem_comp.name
_chem_comp.formula
ADN non-polymer ADENOSINE 'C10 H13 N5 O4'
#
# COMPACT_ATOMS: atom_id res chain seq x y z
N ALA A 1 8.32 2.03 -20.79
CA ALA A 1 9.65 1.52 -21.21
C ALA A 1 9.98 0.18 -20.54
N THR A 2 8.94 -0.51 -20.05
CA THR A 2 9.14 -1.80 -19.39
C THR A 2 8.16 -2.85 -19.89
N PRO A 3 8.37 -4.11 -19.48
CA PRO A 3 7.49 -5.19 -19.92
C PRO A 3 6.11 -5.08 -19.31
N HIS A 4 5.94 -4.17 -18.35
CA HIS A 4 4.66 -4.01 -17.66
C HIS A 4 4.21 -2.57 -17.61
N ASN A 5 4.92 -1.71 -18.32
CA ASN A 5 4.60 -0.29 -18.33
C ASN A 5 5.05 0.34 -19.65
N SER A 6 4.15 1.09 -20.28
CA SER A 6 4.45 1.75 -21.55
C SER A 6 4.87 3.21 -21.35
N ALA A 7 4.57 3.75 -20.17
CA ALA A 7 4.91 5.13 -19.84
C ALA A 7 6.40 5.35 -19.94
N GLN A 8 6.78 6.57 -20.31
CA GLN A 8 8.18 6.93 -20.43
C GLN A 8 8.56 7.69 -19.17
N VAL A 9 9.85 7.69 -18.86
CA VAL A 9 10.35 8.39 -17.69
C VAL A 9 9.77 9.80 -17.71
N GLY A 10 9.05 10.16 -16.65
CA GLY A 10 8.45 11.47 -16.59
C GLY A 10 6.94 11.41 -16.54
N ASP A 11 6.37 10.33 -17.05
CA ASP A 11 4.92 10.17 -17.05
C ASP A 11 4.37 9.95 -15.64
N PHE A 12 5.25 9.55 -14.72
CA PHE A 12 4.83 9.32 -13.35
C PHE A 12 5.35 10.40 -12.40
N ALA A 13 4.53 10.72 -11.40
CA ALA A 13 4.88 11.71 -10.39
C ALA A 13 5.87 11.07 -9.41
N GLU A 14 6.56 11.88 -8.61
CA GLU A 14 7.52 11.35 -7.66
C GLU A 14 6.81 10.54 -6.59
N THR A 15 5.54 10.87 -6.36
CA THR A 15 4.72 10.18 -5.36
C THR A 15 3.63 9.41 -6.09
N VAL A 16 3.57 8.10 -5.85
CA VAL A 16 2.58 7.25 -6.49
C VAL A 16 1.75 6.46 -5.50
N LEU A 17 0.43 6.49 -5.66
CA LEU A 17 -0.46 5.74 -4.79
C LEU A 17 -0.86 4.50 -5.55
N MET A 18 -0.77 3.34 -4.91
CA MET A 18 -1.12 2.09 -5.57
C MET A 18 -2.05 1.25 -4.72
N CYS A 19 -2.93 0.52 -5.39
CA CYS A 19 -3.88 -0.37 -4.73
C CYS A 19 -3.98 -1.59 -5.63
N GLY A 20 -4.42 -2.71 -5.07
CA GLY A 20 -4.51 -3.93 -5.84
C GLY A 20 -5.41 -3.81 -7.06
N ASP A 21 -6.62 -3.31 -6.83
CA ASP A 21 -7.63 -3.17 -7.87
C ASP A 21 -7.33 -2.05 -8.88
N PRO A 22 -7.20 -2.41 -10.16
CA PRO A 22 -6.91 -1.46 -11.24
C PRO A 22 -8.12 -0.56 -11.50
N LEU A 23 -9.28 -1.02 -11.08
CA LEU A 23 -10.49 -0.26 -11.25
C LEU A 23 -10.62 0.74 -10.11
N ARG A 24 -10.05 0.41 -8.96
CA ARG A 24 -10.09 1.30 -7.82
C ARG A 24 -9.15 2.46 -8.14
N ALA A 25 -8.05 2.14 -8.83
CA ALA A 25 -7.08 3.17 -9.20
C ALA A 25 -7.71 4.13 -10.20
N LYS A 26 -8.46 3.60 -11.16
CA LYS A 26 -9.13 4.43 -12.15
C LYS A 26 -10.11 5.34 -11.41
N LEU A 27 -10.81 4.77 -10.44
CA LEU A 27 -11.78 5.50 -9.63
C LEU A 27 -11.10 6.64 -8.87
N ILE A 28 -9.98 6.33 -8.24
CA ILE A 28 -9.22 7.33 -7.48
C ILE A 28 -8.71 8.38 -8.45
N ALA A 29 -8.26 7.94 -9.62
CA ALA A 29 -7.76 8.87 -10.62
C ALA A 29 -8.87 9.86 -10.98
N GLU A 30 -10.05 9.35 -11.31
CA GLU A 30 -11.18 10.19 -11.68
C GLU A 30 -11.63 11.03 -10.50
N THR A 31 -12.00 10.36 -9.42
CA THR A 31 -12.49 10.99 -8.21
C THR A 31 -11.59 12.01 -7.49
N TYR A 32 -10.32 11.68 -7.26
CA TYR A 32 -9.45 12.57 -6.51
C TYR A 32 -8.40 13.41 -7.25
N LEU A 33 -8.07 13.06 -8.48
CA LEU A 33 -7.07 13.84 -9.19
C LEU A 33 -7.68 14.79 -10.21
N GLU A 34 -7.03 15.94 -10.37
CA GLU A 34 -7.49 16.92 -11.34
C GLU A 34 -6.71 16.70 -12.63
N ASN A 35 -7.43 16.71 -13.75
CA ASN A 35 -6.83 16.51 -15.05
C ASN A 35 -5.96 15.26 -15.08
N PRO A 36 -6.51 14.11 -14.68
CA PRO A 36 -5.74 12.86 -14.69
C PRO A 36 -5.54 12.33 -16.11
N LYS A 37 -4.33 11.88 -16.40
CA LYS A 37 -4.04 11.33 -17.71
C LYS A 37 -3.52 9.90 -17.57
N LEU A 38 -4.17 8.97 -18.26
CA LEU A 38 -3.75 7.57 -18.22
C LEU A 38 -2.37 7.48 -18.86
N VAL A 39 -1.37 7.13 -18.06
CA VAL A 39 0.00 7.04 -18.56
C VAL A 39 0.42 5.60 -18.89
N ASN A 40 -0.29 4.63 -18.34
CA ASN A 40 0.04 3.23 -18.59
C ASN A 40 -1.13 2.29 -18.31
N ASN A 41 -1.46 1.45 -19.27
CA ASN A 41 -2.54 0.51 -19.04
C ASN A 41 -2.16 -0.89 -19.49
N VAL A 42 -0.87 -1.18 -19.49
CA VAL A 42 -0.40 -2.49 -19.85
C VAL A 42 -1.08 -3.40 -18.83
N ARG A 43 -1.56 -4.55 -19.29
CA ARG A 43 -2.25 -5.51 -18.42
C ARG A 43 -3.37 -4.80 -17.67
N GLY A 44 -4.00 -3.84 -18.36
CA GLY A 44 -5.10 -3.07 -17.80
C GLY A 44 -4.81 -2.54 -16.40
N ILE A 45 -3.53 -2.41 -16.09
CA ILE A 45 -3.08 -1.97 -14.77
C ILE A 45 -3.67 -0.64 -14.30
N GLN A 46 -4.06 0.23 -15.24
CA GLN A 46 -4.67 1.53 -14.93
C GLN A 46 -3.77 2.59 -14.30
N GLY A 47 -2.73 2.99 -15.02
CA GLY A 47 -1.81 3.99 -14.50
C GLY A 47 -2.12 5.43 -14.89
N TYR A 48 -2.42 6.26 -13.91
CA TYR A 48 -2.73 7.66 -14.17
C TYR A 48 -1.78 8.60 -13.45
N THR A 49 -1.77 9.84 -13.91
CA THR A 49 -0.97 10.89 -13.31
C THR A 49 -1.80 12.15 -13.46
N GLY A 50 -1.97 12.87 -12.37
CA GLY A 50 -2.76 14.09 -12.39
C GLY A 50 -2.19 15.00 -11.32
N THR A 51 -3.05 15.83 -10.73
CA THR A 51 -2.58 16.72 -9.68
C THR A 51 -3.55 16.77 -8.53
N TYR A 52 -3.02 17.16 -7.39
CA TYR A 52 -3.80 17.27 -6.17
C TYR A 52 -3.21 18.50 -5.46
N LYS A 53 -4.07 19.48 -5.24
CA LYS A 53 -3.63 20.72 -4.61
C LYS A 53 -2.44 21.25 -5.40
N GLY A 54 -2.53 21.06 -6.72
CA GLY A 54 -1.51 21.53 -7.63
C GLY A 54 -0.29 20.64 -7.73
N LYS A 55 -0.14 19.69 -6.82
CA LYS A 55 1.01 18.82 -6.87
C LYS A 55 0.77 17.59 -7.75
N PRO A 56 1.81 17.17 -8.49
CA PRO A 56 1.74 16.01 -9.39
C PRO A 56 1.70 14.72 -8.59
N ILE A 57 0.76 13.85 -8.94
CA ILE A 57 0.64 12.58 -8.26
C ILE A 57 0.07 11.53 -9.21
N SER A 58 0.63 10.33 -9.15
CA SER A 58 0.20 9.22 -9.99
C SER A 58 -0.48 8.15 -9.15
N VAL A 59 -1.35 7.39 -9.79
CA VAL A 59 -2.08 6.32 -9.13
C VAL A 59 -2.06 5.16 -10.13
N MET A 60 -1.85 3.95 -9.63
CA MET A 60 -1.81 2.80 -10.52
C MET A 60 -2.11 1.53 -9.73
N GLY A 61 -2.54 0.49 -10.44
CA GLY A 61 -2.84 -0.76 -9.77
C GLY A 61 -1.55 -1.54 -9.63
N HIS A 62 -1.51 -2.46 -8.67
CA HIS A 62 -0.30 -3.27 -8.47
C HIS A 62 -0.58 -4.76 -8.38
N GLY A 63 -1.82 -5.14 -8.62
CA GLY A 63 -2.18 -6.55 -8.57
C GLY A 63 -2.21 -7.11 -7.17
N MET A 64 -2.25 -8.43 -7.05
CA MET A 64 -2.31 -9.06 -5.75
C MET A 64 -1.09 -9.91 -5.50
N GLY A 65 -0.49 -9.76 -4.32
CA GLY A 65 0.67 -10.55 -3.97
C GLY A 65 2.01 -9.86 -4.11
N LEU A 66 2.97 -10.29 -3.30
CA LEU A 66 4.29 -9.68 -3.34
C LEU A 66 4.95 -9.81 -4.70
N PRO A 67 4.73 -10.93 -5.41
CA PRO A 67 5.37 -11.02 -6.73
C PRO A 67 4.93 -9.90 -7.68
N SER A 68 3.62 -9.64 -7.69
CA SER A 68 3.06 -8.61 -8.57
C SER A 68 3.53 -7.22 -8.20
N ILE A 69 3.28 -6.82 -6.95
CA ILE A 69 3.68 -5.50 -6.52
C ILE A 69 5.19 -5.31 -6.62
N CYS A 70 5.95 -6.39 -6.54
CA CYS A 70 7.41 -6.31 -6.63
C CYS A 70 7.90 -5.92 -8.02
N ILE A 71 7.14 -6.30 -9.04
CA ILE A 71 7.51 -6.00 -10.41
C ILE A 71 7.32 -4.49 -10.60
N TYR A 72 6.10 -4.03 -10.32
CA TYR A 72 5.74 -2.62 -10.45
C TYR A 72 6.58 -1.65 -9.63
N ALA A 73 6.70 -1.92 -8.34
CA ALA A 73 7.45 -1.05 -7.45
C ALA A 73 8.91 -0.90 -7.85
N GLU A 74 9.53 -2.00 -8.26
CA GLU A 74 10.92 -1.97 -8.69
C GLU A 74 11.11 -1.16 -9.96
N GLU A 75 10.16 -1.25 -10.88
CA GLU A 75 10.21 -0.51 -12.13
C GLU A 75 10.02 0.98 -11.88
N LEU A 76 9.01 1.31 -11.08
CA LEU A 76 8.73 2.71 -10.75
C LEU A 76 9.92 3.39 -10.08
N TYR A 77 10.56 2.70 -9.14
CA TYR A 77 11.72 3.28 -8.46
C TYR A 77 12.89 3.33 -9.43
N SER A 78 13.20 2.17 -9.99
CA SER A 78 14.31 2.04 -10.91
C SER A 78 14.19 2.84 -12.20
N THR A 79 13.14 2.59 -12.97
CA THR A 79 12.97 3.29 -14.24
C THR A 79 12.33 4.68 -14.24
N TYR A 80 11.18 4.80 -13.59
CA TYR A 80 10.46 6.07 -13.55
C TYR A 80 10.86 6.99 -12.42
N LYS A 81 12.00 6.71 -11.79
CA LYS A 81 12.53 7.51 -10.70
C LYS A 81 11.47 8.02 -9.72
N VAL A 82 10.54 7.15 -9.34
CA VAL A 82 9.52 7.52 -8.38
C VAL A 82 10.22 7.57 -7.03
N LYS A 83 9.88 8.56 -6.22
CA LYS A 83 10.51 8.70 -4.92
C LYS A 83 9.69 8.10 -3.79
N THR A 84 8.38 8.17 -3.90
CA THR A 84 7.50 7.66 -2.86
C THR A 84 6.32 6.85 -3.37
N ILE A 85 6.06 5.73 -2.70
CA ILE A 85 4.94 4.90 -3.06
C ILE A 85 4.13 4.61 -1.81
N ILE A 86 2.88 5.05 -1.79
CA ILE A 86 2.02 4.79 -0.66
C ILE A 86 0.99 3.77 -1.12
N ARG A 87 0.91 2.67 -0.38
CA ARG A 87 -0.04 1.61 -0.71
C ARG A 87 -1.36 1.87 0.01
N VAL A 88 -2.43 2.05 -0.77
CA VAL A 88 -3.75 2.25 -0.21
C VAL A 88 -4.61 1.06 -0.62
N GLY A 89 -5.47 0.60 0.28
CA GLY A 89 -6.31 -0.53 -0.06
C GLY A 89 -7.11 -1.09 1.08
N THR A 90 -7.45 -2.36 0.96
CA THR A 90 -8.22 -3.06 1.98
C THR A 90 -7.34 -4.08 2.65
N CYS A 91 -7.88 -4.73 3.68
CA CYS A 91 -7.14 -5.74 4.40
C CYS A 91 -8.07 -6.46 5.35
N GLY A 92 -7.55 -7.49 6.01
CA GLY A 92 -8.34 -8.23 6.96
C GLY A 92 -7.85 -7.97 8.38
N ALA A 93 -8.77 -7.62 9.27
CA ALA A 93 -8.41 -7.37 10.66
C ALA A 93 -8.00 -8.69 11.28
N ILE A 94 -7.00 -8.64 12.16
CA ILE A 94 -6.50 -9.82 12.85
C ILE A 94 -6.68 -9.63 14.34
N ASP A 95 -6.23 -8.49 14.84
CA ASP A 95 -6.34 -8.17 16.25
C ASP A 95 -7.83 -8.05 16.62
N MET A 96 -8.18 -8.54 17.80
CA MET A 96 -9.57 -8.49 18.28
C MET A 96 -10.08 -7.08 18.50
N ASP A 97 -9.18 -6.19 18.93
CA ASP A 97 -9.56 -4.80 19.19
C ASP A 97 -9.68 -3.99 17.90
N ILE A 98 -9.27 -4.58 16.78
CA ILE A 98 -9.38 -3.90 15.48
C ILE A 98 -10.72 -4.34 14.86
N HIS A 99 -11.50 -3.38 14.40
CA HIS A 99 -12.80 -3.70 13.83
C HIS A 99 -12.94 -3.29 12.36
N THR A 100 -13.91 -3.89 11.69
CA THR A 100 -14.15 -3.58 10.28
C THR A 100 -14.36 -2.08 10.11
N ARG A 101 -13.79 -1.54 9.04
CA ARG A 101 -13.90 -0.10 8.72
C ARG A 101 -12.84 0.73 9.46
N ASP A 102 -12.13 0.10 10.39
CA ASP A 102 -11.07 0.80 11.10
C ASP A 102 -9.97 1.03 10.07
N ILE A 103 -9.32 2.18 10.14
CA ILE A 103 -8.24 2.48 9.21
C ILE A 103 -6.92 2.12 9.90
N VAL A 104 -6.04 1.46 9.16
CA VAL A 104 -4.77 1.00 9.69
C VAL A 104 -3.57 1.51 8.91
N ILE A 105 -2.55 1.97 9.65
CA ILE A 105 -1.33 2.49 9.05
C ILE A 105 -0.21 1.53 9.44
N PHE A 106 0.37 0.84 8.45
CA PHE A 106 1.44 -0.12 8.74
C PHE A 106 2.78 0.49 9.10
N THR A 107 3.39 -0.06 10.15
CA THR A 107 4.71 0.37 10.58
C THR A 107 5.66 -0.57 9.86
N SER A 108 5.22 -1.83 9.77
CA SER A 108 5.99 -2.89 9.14
C SER A 108 5.01 -3.96 8.69
N ALA A 109 5.53 -4.97 8.00
CA ALA A 109 4.70 -6.06 7.52
C ALA A 109 5.46 -7.37 7.61
N GLY A 110 4.83 -8.38 8.20
CA GLY A 110 5.43 -9.70 8.31
C GLY A 110 4.99 -10.47 7.08
N THR A 111 5.52 -11.67 6.88
CA THR A 111 5.12 -12.44 5.71
C THR A 111 5.48 -13.91 5.78
N ASN A 112 4.77 -14.72 5.00
CA ASN A 112 5.04 -16.16 4.92
C ASN A 112 5.63 -16.42 3.54
N SER A 113 6.07 -15.33 2.93
CA SER A 113 6.72 -15.34 1.63
C SER A 113 8.17 -15.72 1.87
N LYS A 114 8.90 -15.99 0.79
CA LYS A 114 10.31 -16.35 0.87
C LYS A 114 11.15 -15.26 0.18
N ILE A 115 10.46 -14.34 -0.50
CA ILE A 115 11.11 -13.26 -1.23
C ILE A 115 12.20 -12.54 -0.45
N ASN A 116 11.86 -12.01 0.72
CA ASN A 116 12.84 -11.27 1.52
C ASN A 116 14.00 -12.13 2.01
N ARG A 117 13.73 -13.40 2.33
CA ARG A 117 14.80 -14.30 2.77
C ARG A 117 15.71 -14.49 1.55
N ILE A 118 15.14 -14.47 0.35
CA ILE A 118 15.93 -14.61 -0.85
C ILE A 118 16.80 -13.37 -1.10
N ARG A 119 16.33 -12.21 -0.67
CA ARG A 119 17.10 -10.98 -0.87
C ARG A 119 18.02 -10.69 0.31
N PHE A 120 17.73 -11.31 1.45
CA PHE A 120 18.52 -11.06 2.66
C PHE A 120 19.35 -12.22 3.21
N MET A 121 19.99 -12.98 2.33
CA MET A 121 20.82 -14.11 2.74
C MET A 121 20.14 -15.01 3.76
N ASP A 122 18.89 -15.36 3.45
CA ASP A 122 18.12 -16.24 4.31
C ASP A 122 18.06 -15.79 5.76
N HIS A 123 17.97 -14.49 5.97
CA HIS A 123 17.87 -13.98 7.32
C HIS A 123 16.56 -13.25 7.44
N ASP A 124 16.27 -12.78 8.65
CA ASP A 124 15.05 -12.05 8.89
C ASP A 124 15.23 -10.59 8.54
N TYR A 125 14.56 -10.19 7.47
CA TYR A 125 14.60 -8.81 7.01
C TYR A 125 13.38 -8.14 7.64
N PRO A 126 13.58 -6.99 8.29
CA PRO A 126 12.42 -6.33 8.89
C PRO A 126 11.75 -5.42 7.86
N ALA A 127 10.78 -5.96 7.11
CA ALA A 127 10.07 -5.19 6.10
C ALA A 127 9.40 -4.02 6.80
N THR A 128 10.11 -2.90 6.88
CA THR A 128 9.63 -1.70 7.56
C THR A 128 9.23 -0.57 6.61
N ALA A 129 8.17 0.13 6.99
CA ALA A 129 7.65 1.25 6.23
C ALA A 129 8.56 2.44 6.48
N SER A 130 8.75 3.28 5.47
CA SER A 130 9.57 4.46 5.61
C SER A 130 9.00 5.36 6.71
N PHE A 131 9.84 5.68 7.70
CA PHE A 131 9.44 6.51 8.82
C PHE A 131 8.85 7.86 8.39
N ASP A 132 9.33 8.40 7.28
CA ASP A 132 8.82 9.68 6.79
C ASP A 132 7.36 9.50 6.35
N VAL A 133 7.12 8.42 5.63
CA VAL A 133 5.80 8.08 5.12
C VAL A 133 4.87 7.70 6.27
N VAL A 134 5.42 7.07 7.30
CA VAL A 134 4.60 6.67 8.45
C VAL A 134 4.22 7.91 9.24
N CYS A 135 5.13 8.89 9.26
CA CYS A 135 4.89 10.13 9.96
C CYS A 135 3.88 10.98 9.21
N ALA A 136 4.10 11.13 7.91
CA ALA A 136 3.22 11.92 7.07
C ALA A 136 1.80 11.38 7.14
N LEU A 137 1.67 10.07 7.16
CA LEU A 137 0.36 9.44 7.23
C LEU A 137 -0.29 9.68 8.57
N VAL A 138 0.47 9.43 9.65
CA VAL A 138 -0.05 9.63 10.98
C VAL A 138 -0.36 11.11 11.22
N ASP A 139 0.51 12.01 10.75
CA ASP A 139 0.27 13.44 10.91
C ASP A 139 -1.02 13.81 10.20
N ALA A 140 -1.15 13.36 8.95
CA ALA A 140 -2.34 13.63 8.16
C ALA A 140 -3.59 13.14 8.88
N ALA A 141 -3.49 11.97 9.51
CA ALA A 141 -4.65 11.46 10.24
C ALA A 141 -4.92 12.40 11.41
N LYS A 142 -3.87 12.78 12.14
CA LYS A 142 -4.02 13.68 13.27
C LYS A 142 -4.62 15.01 12.85
N GLU A 143 -4.05 15.63 11.82
CA GLU A 143 -4.54 16.91 11.34
C GLU A 143 -6.01 16.79 10.93
N LEU A 144 -6.32 15.75 10.16
CA LEU A 144 -7.70 15.52 9.72
C LEU A 144 -8.54 15.03 10.90
N ASN A 145 -7.86 14.63 11.97
CA ASN A 145 -8.54 14.10 13.15
C ASN A 145 -9.39 12.89 12.75
N ILE A 146 -8.77 11.96 12.04
CA ILE A 146 -9.43 10.74 11.59
C ILE A 146 -8.75 9.59 12.34
N PRO A 147 -9.47 8.98 13.29
CA PRO A 147 -8.91 7.86 14.06
C PRO A 147 -8.35 6.82 13.13
N ALA A 148 -7.22 6.25 13.51
CA ALA A 148 -6.58 5.22 12.70
C ALA A 148 -5.58 4.48 13.59
N LYS A 149 -5.47 3.17 13.41
CA LYS A 149 -4.54 2.41 14.22
C LYS A 149 -3.20 2.26 13.51
N VAL A 150 -2.12 2.23 14.28
CA VAL A 150 -0.79 2.11 13.72
C VAL A 150 -0.03 0.92 14.28
N GLY A 151 0.42 0.04 13.38
CA GLY A 151 1.15 -1.13 13.83
C GLY A 151 1.49 -2.11 12.72
N LYS A 152 1.83 -3.33 13.14
CA LYS A 152 2.20 -4.38 12.21
C LYS A 152 1.07 -4.90 11.31
N GLY A 153 1.45 -5.21 10.08
CA GLY A 153 0.50 -5.77 9.14
C GLY A 153 1.12 -7.08 8.70
N PHE A 154 0.38 -7.88 7.94
CA PHE A 154 0.92 -9.14 7.46
C PHE A 154 0.63 -9.28 5.98
N SER A 155 1.69 -9.54 5.21
CA SER A 155 1.56 -9.75 3.78
C SER A 155 1.60 -11.27 3.57
N THR A 156 0.42 -11.85 3.35
CA THR A 156 0.31 -13.29 3.16
C THR A 156 0.48 -13.68 1.71
N ASP A 157 1.04 -14.86 1.47
CA ASP A 157 1.20 -15.35 0.11
C ASP A 157 -0.05 -16.17 -0.16
N LEU A 158 -0.66 -16.65 0.91
CA LEU A 158 -1.88 -17.45 0.83
C LEU A 158 -3.09 -16.66 1.33
N PHE A 159 -3.90 -16.12 0.43
CA PHE A 159 -5.11 -15.42 0.84
C PHE A 159 -5.91 -16.45 1.65
N TYR A 160 -6.11 -17.62 1.05
CA TYR A 160 -6.79 -18.73 1.72
C TYR A 160 -5.65 -19.51 2.38
N ASN A 161 -5.35 -19.17 3.62
CA ASN A 161 -4.26 -19.79 4.36
C ASN A 161 -4.54 -21.16 4.99
N PRO A 162 -3.81 -22.20 4.55
CA PRO A 162 -3.95 -23.57 5.07
C PRO A 162 -3.62 -23.63 6.57
N GLN A 163 -2.66 -22.81 7.01
CA GLN A 163 -2.23 -22.76 8.41
C GLN A 163 -3.19 -21.93 9.24
N THR A 164 -4.35 -22.53 9.51
CA THR A 164 -5.42 -21.90 10.28
C THR A 164 -5.03 -21.38 11.66
N GLU A 165 -3.90 -21.83 12.21
CA GLU A 165 -3.47 -21.37 13.52
C GLU A 165 -2.72 -20.05 13.43
N LEU A 166 -2.18 -19.72 12.25
CA LEU A 166 -1.41 -18.49 12.09
C LEU A 166 -2.22 -17.29 12.56
N ALA A 167 -3.44 -17.18 12.07
CA ALA A 167 -4.31 -16.07 12.45
C ALA A 167 -4.28 -15.84 13.95
N GLN A 168 -4.59 -16.89 14.71
CA GLN A 168 -4.60 -16.77 16.16
C GLN A 168 -3.24 -16.33 16.70
N LEU A 169 -2.17 -16.86 16.14
CA LEU A 169 -0.83 -16.51 16.60
C LEU A 169 -0.59 -15.03 16.39
N MET A 170 -0.97 -14.55 15.23
CA MET A 170 -0.78 -13.15 14.92
C MET A 170 -1.55 -12.29 15.91
N ASN A 171 -2.73 -12.75 16.28
CA ASN A 171 -3.55 -12.02 17.23
C ASN A 171 -2.80 -11.92 18.55
N LYS A 172 -2.18 -13.02 18.97
CA LYS A 172 -1.43 -13.02 20.22
C LYS A 172 -0.32 -11.98 20.20
N PHE A 173 0.29 -11.80 19.04
CA PHE A 173 1.37 -10.83 18.86
C PHE A 173 0.82 -9.48 18.40
N HIS A 174 -0.50 -9.38 18.40
CA HIS A 174 -1.16 -8.13 18.05
C HIS A 174 -0.87 -7.59 16.64
N PHE A 175 -0.91 -8.44 15.63
CA PHE A 175 -0.74 -7.94 14.28
C PHE A 175 -2.07 -7.27 14.00
N LEU A 176 -2.02 -6.08 13.42
CA LEU A 176 -3.23 -5.35 13.15
C LEU A 176 -4.11 -5.89 12.05
N ALA A 177 -3.54 -6.06 10.86
CA ALA A 177 -4.32 -6.56 9.74
C ALA A 177 -3.45 -7.36 8.78
N VAL A 178 -4.09 -8.03 7.83
CA VAL A 178 -3.35 -8.82 6.85
C VAL A 178 -3.74 -8.42 5.43
N GLU A 179 -2.72 -8.27 4.58
CA GLU A 179 -2.95 -7.95 3.17
C GLU A 179 -2.01 -8.83 2.32
N MET A 180 -1.56 -8.35 1.17
CA MET A 180 -0.68 -9.19 0.35
C MET A 180 0.39 -8.47 -0.45
N GLU A 181 0.85 -7.31 -0.01
CA GLU A 181 1.84 -6.59 -0.80
C GLU A 181 2.92 -5.83 -0.03
N SER A 182 2.55 -5.15 1.04
CA SER A 182 3.49 -4.37 1.82
C SER A 182 4.87 -4.98 2.04
N ALA A 183 4.91 -6.17 2.63
CA ALA A 183 6.17 -6.86 2.92
C ALA A 183 7.14 -6.91 1.73
N GLY A 184 6.58 -7.05 0.52
CA GLY A 184 7.40 -7.09 -0.66
C GLY A 184 7.83 -5.69 -1.04
N LEU A 185 6.90 -4.74 -0.89
CA LEU A 185 7.12 -3.35 -1.22
C LEU A 185 8.22 -2.68 -0.40
N PHE A 186 8.06 -2.66 0.92
CA PHE A 186 9.01 -2.01 1.80
C PHE A 186 10.49 -2.28 1.50
N PRO A 187 10.89 -3.56 1.45
CA PRO A 187 12.32 -3.80 1.16
C PRO A 187 12.80 -3.20 -0.18
N ILE A 188 11.98 -3.26 -1.21
CA ILE A 188 12.37 -2.70 -2.51
C ILE A 188 12.66 -1.19 -2.39
N ALA A 189 11.82 -0.48 -1.63
CA ALA A 189 12.00 0.96 -1.43
C ALA A 189 13.37 1.20 -0.80
N ASP A 190 13.71 0.40 0.20
CA ASP A 190 15.00 0.48 0.88
C ASP A 190 16.15 0.33 -0.11
N LEU A 191 16.09 -0.74 -0.90
CA LEU A 191 17.10 -1.02 -1.89
C LEU A 191 17.36 0.18 -2.79
N TYR A 192 16.31 0.94 -3.11
CA TYR A 192 16.45 2.12 -3.97
C TYR A 192 16.57 3.43 -3.20
N GLY A 193 16.88 3.36 -1.91
CA GLY A 193 16.98 4.58 -1.13
C GLY A 193 15.77 5.47 -1.32
N ALA A 194 14.62 4.85 -1.60
CA ALA A 194 13.37 5.58 -1.79
C ALA A 194 12.45 5.35 -0.59
N ARG A 195 11.19 5.79 -0.71
CA ARG A 195 10.24 5.63 0.39
C ARG A 195 8.98 4.88 0.03
N ALA A 196 8.51 4.08 0.99
CA ALA A 196 7.31 3.30 0.81
C ALA A 196 6.48 3.37 2.08
N GLY A 197 5.18 3.15 1.94
CA GLY A 197 4.30 3.18 3.09
C GLY A 197 2.98 2.54 2.74
N CYS A 198 2.17 2.23 3.74
CA CYS A 198 0.89 1.61 3.51
C CYS A 198 -0.18 2.03 4.51
N ILE A 199 -1.40 2.19 4.01
CA ILE A 199 -2.53 2.54 4.86
C ILE A 199 -3.76 1.85 4.26
N CYS A 200 -4.35 0.94 5.02
CA CYS A 200 -5.49 0.20 4.51
C CYS A 200 -6.73 0.35 5.35
N THR A 201 -7.88 0.17 4.72
CA THR A 201 -9.13 0.23 5.43
C THR A 201 -9.59 -1.22 5.57
N VAL A 202 -9.78 -1.65 6.81
CA VAL A 202 -10.19 -3.01 7.14
C VAL A 202 -11.55 -3.35 6.54
N SER A 203 -11.54 -4.18 5.50
CA SER A 203 -12.78 -4.58 4.82
C SER A 203 -13.48 -5.71 5.54
N ASP A 204 -12.75 -6.42 6.39
CA ASP A 204 -13.35 -7.51 7.15
C ASP A 204 -12.40 -8.01 8.23
N HIS A 205 -12.93 -8.84 9.12
CA HIS A 205 -12.14 -9.40 10.21
C HIS A 205 -12.04 -10.90 10.00
N ILE A 206 -10.82 -11.43 10.00
CA ILE A 206 -10.62 -12.85 9.78
C ILE A 206 -10.96 -13.72 11.00
N LEU A 207 -10.81 -13.19 12.20
CA LEU A 207 -11.11 -13.98 13.38
C LEU A 207 -12.58 -14.00 13.81
N HIS A 208 -13.44 -13.35 13.03
CA HIS A 208 -14.89 -13.31 13.28
C HIS A 208 -15.53 -12.20 12.45
N HIS A 209 -16.40 -12.58 11.52
CA HIS A 209 -17.04 -11.57 10.69
C HIS A 209 -17.98 -10.69 11.51
N GLU A 210 -17.82 -9.38 11.37
CA GLU A 210 -18.63 -8.42 12.10
C GLU A 210 -19.75 -7.87 11.22
N GLU A 216 -21.91 2.37 4.02
CA GLU A 216 -21.18 2.99 5.12
C GLU A 216 -19.67 2.76 4.96
N ARG A 217 -19.33 1.64 4.32
CA ARG A 217 -17.94 1.25 4.08
C ARG A 217 -17.11 2.25 3.27
N GLN A 218 -17.79 3.11 2.51
CA GLN A 218 -17.10 4.11 1.70
C GLN A 218 -16.51 5.27 2.50
N ASN A 219 -17.22 5.69 3.55
CA ASN A 219 -16.76 6.79 4.38
C ASN A 219 -15.37 6.49 4.90
N SER A 220 -15.16 5.23 5.26
CA SER A 220 -13.89 4.77 5.78
C SER A 220 -12.85 4.84 4.66
N PHE A 221 -13.24 4.44 3.46
CA PHE A 221 -12.35 4.48 2.32
C PHE A 221 -11.94 5.92 2.01
N GLN A 222 -12.93 6.81 1.97
CA GLN A 222 -12.69 8.22 1.71
C GLN A 222 -11.79 8.82 2.78
N ASN A 223 -11.99 8.41 4.02
CA ASN A 223 -11.15 8.93 5.09
C ASN A 223 -9.70 8.45 4.90
N MET A 224 -9.54 7.17 4.56
CA MET A 224 -8.22 6.62 4.32
C MET A 224 -7.58 7.35 3.15
N MET A 225 -8.38 7.63 2.13
CA MET A 225 -7.90 8.35 0.95
C MET A 225 -7.47 9.77 1.23
N LYS A 226 -8.14 10.44 2.17
CA LYS A 226 -7.79 11.80 2.52
C LYS A 226 -6.43 11.74 3.21
N ILE A 227 -6.35 10.90 4.23
CA ILE A 227 -5.12 10.73 4.97
C ILE A 227 -3.94 10.49 4.03
N ALA A 228 -4.16 9.68 3.01
CA ALA A 228 -3.11 9.35 2.05
C ALA A 228 -2.74 10.52 1.15
N LEU A 229 -3.73 11.15 0.55
CA LEU A 229 -3.51 12.29 -0.32
C LEU A 229 -2.77 13.43 0.38
N GLU A 230 -3.23 13.76 1.57
CA GLU A 230 -2.59 14.84 2.33
C GLU A 230 -1.16 14.47 2.70
N ALA A 231 -0.96 13.23 3.12
CA ALA A 231 0.37 12.76 3.50
C ALA A 231 1.31 12.88 2.31
N ALA A 232 0.77 12.65 1.11
CA ALA A 232 1.55 12.75 -0.11
C ALA A 232 2.03 14.18 -0.33
N ILE A 233 1.15 15.14 -0.06
CA ILE A 233 1.52 16.54 -0.21
C ILE A 233 2.66 16.80 0.78
N LYS A 234 2.50 16.35 2.02
CA LYS A 234 3.52 16.52 3.04
C LYS A 234 4.84 15.86 2.64
N LEU A 235 4.78 14.89 1.72
CA LEU A 235 5.98 14.18 1.28
C LEU A 235 6.58 14.69 -0.02
O5' ADN B . -8.13 -10.00 -1.73
C5' ADN B . -6.72 -9.84 -1.53
C4' ADN B . -6.31 -8.45 -2.03
O4' ADN B . -6.92 -7.40 -1.26
C3' ADN B . -4.82 -8.15 -1.86
O3' ADN B . -4.44 -7.01 -2.64
C2' ADN B . -4.76 -7.82 -0.36
O2' ADN B . -3.70 -6.91 -0.07
C1' ADN B . -6.13 -7.22 -0.07
N9 ADN B . -6.82 -7.80 1.11
C8 ADN B . -7.92 -7.29 1.67
N7 ADN B . -8.31 -8.07 2.67
C5 ADN B . -7.47 -9.09 2.75
C6 ADN B . -7.40 -10.23 3.55
N6 ADN B . -8.29 -10.44 4.51
N1 ADN B . -6.41 -11.12 3.33
C2 ADN B . -5.50 -10.92 2.38
N3 ADN B . -5.54 -9.84 1.61
C4 ADN B . -6.50 -8.92 1.77
#